data_8C3L
#
_entry.id   8C3L
#
_cell.length_a   45.599
_cell.length_b   56.563
_cell.length_c   128.292
_cell.angle_alpha   90.000
_cell.angle_beta   90.000
_cell.angle_gamma   90.000
#
_symmetry.space_group_name_H-M   'P 21 21 21'
#
loop_
_entity.id
_entity.type
_entity.pdbx_description
1 polymer 'Phage repressor protein CI'
2 polymer 'Nanobody 33'
3 non-polymer 'IODIDE ION'
4 non-polymer 'CHLORIDE ION'
5 water water
#
loop_
_entity_poly.entity_id
_entity_poly.type
_entity_poly.pdbx_seq_one_letter_code
_entity_poly.pdbx_strand_id
1 'polypeptide(L)' MQKKEIRRLRLKEWFKDKTLPPKEKSYLSQLMSGRASFGEKAARRIEQTYGMPEGYLGSSHHHHHH A,C
2 'polypeptide(L)'
;QVQLVESGGGLVQSGGSLRLSCAASGSIFRTTGMNWYRQTPEKQREWVALITSHGTTSYAASVEGRFTISRDSAGTTVYL
QMNSLKPEDAGVYYCTTRGYWGQGTQVTVSSHHHHHH
;
B,D
#
# COMPACT_ATOMS: atom_id res chain seq x y z
N MET A 1 -30.43 29.66 -5.23
CA MET A 1 -29.10 30.25 -5.37
C MET A 1 -28.70 30.33 -6.85
N GLN A 2 -27.58 31.00 -7.13
CA GLN A 2 -27.10 31.08 -8.50
C GLN A 2 -26.52 29.74 -8.97
N LYS A 3 -26.51 29.56 -10.29
CA LYS A 3 -26.04 28.30 -10.87
C LYS A 3 -24.56 28.08 -10.59
N LYS A 4 -23.77 29.15 -10.53
CA LYS A 4 -22.36 29.00 -10.14
C LYS A 4 -22.24 28.39 -8.76
N GLU A 5 -23.14 28.74 -7.84
CA GLU A 5 -23.00 28.29 -6.46
C GLU A 5 -23.58 26.90 -6.25
N ILE A 6 -24.63 26.51 -6.99
CA ILE A 6 -25.17 25.17 -6.83
CA ILE A 6 -25.18 25.16 -6.87
C ILE A 6 -24.12 24.12 -7.19
N ARG A 7 -23.27 24.42 -8.17
CA ARG A 7 -22.18 23.50 -8.51
C ARG A 7 -21.24 23.34 -7.33
N ARG A 8 -20.95 24.44 -6.62
CA ARG A 8 -20.11 24.36 -5.43
C ARG A 8 -20.84 23.66 -4.29
N LEU A 9 -22.16 23.82 -4.22
CA LEU A 9 -22.94 23.11 -3.21
C LEU A 9 -22.94 21.60 -3.47
N ARG A 10 -22.96 21.20 -4.74
CA ARG A 10 -22.91 19.78 -5.07
C ARG A 10 -21.59 19.17 -4.61
N LEU A 11 -20.48 19.86 -4.88
CA LEU A 11 -19.18 19.38 -4.46
C LEU A 11 -19.14 19.22 -2.95
N LYS A 12 -19.55 20.25 -2.20
CA LYS A 12 -19.57 20.17 -0.75
C LYS A 12 -20.42 18.98 -0.28
N GLU A 13 -21.51 18.69 -0.99
CA GLU A 13 -22.39 17.61 -0.57
CA GLU A 13 -22.40 17.61 -0.59
C GLU A 13 -21.75 16.25 -0.81
N TRP A 14 -20.98 16.11 -1.89
CA TRP A 14 -20.27 14.87 -2.14
C TRP A 14 -19.36 14.52 -0.97
N PHE A 15 -18.66 15.51 -0.42
CA PHE A 15 -17.67 15.22 0.59
C PHE A 15 -18.19 15.33 2.02
N LYS A 16 -19.48 15.62 2.21
CA LYS A 16 -19.99 15.90 3.55
C LYS A 16 -19.75 14.73 4.50
N ASP A 17 -19.87 13.49 4.00
CA ASP A 17 -19.68 12.29 4.82
C ASP A 17 -18.29 11.70 4.67
N LYS A 18 -17.32 12.52 4.27
CA LYS A 18 -15.99 12.07 3.92
C LYS A 18 -14.98 12.98 4.58
N THR A 19 -13.74 12.52 4.61
CA THR A 19 -12.58 13.34 4.95
C THR A 19 -11.88 13.74 3.65
N LEU A 20 -11.28 14.93 3.63
CA LEU A 20 -10.60 15.28 2.38
C LEU A 20 -9.16 14.74 2.37
N PRO A 21 -8.70 14.23 1.23
CA PRO A 21 -7.31 13.77 1.12
C PRO A 21 -6.34 14.89 1.46
N PRO A 22 -5.41 14.64 2.38
CA PRO A 22 -4.42 15.68 2.75
C PRO A 22 -3.82 16.37 1.55
N LYS A 23 -3.48 15.64 0.49
CA LYS A 23 -2.85 16.26 -0.67
C LYS A 23 -3.84 17.06 -1.51
N GLU A 24 -5.15 16.84 -1.37
CA GLU A 24 -6.15 17.53 -2.17
C GLU A 24 -6.96 18.56 -1.39
N LYS A 25 -6.73 18.69 -0.09
CA LYS A 25 -7.63 19.46 0.76
C LYS A 25 -7.61 20.95 0.44
N SER A 26 -6.47 21.48 -0.02
CA SER A 26 -6.41 22.91 -0.34
C SER A 26 -7.17 23.22 -1.62
N TYR A 27 -6.96 22.43 -2.67
CA TYR A 27 -7.65 22.68 -3.93
C TYR A 27 -9.14 22.42 -3.78
N LEU A 28 -9.50 21.34 -3.09
CA LEU A 28 -10.92 21.05 -2.85
C LEU A 28 -11.60 22.21 -2.13
N SER A 29 -10.95 22.75 -1.09
CA SER A 29 -11.53 23.83 -0.31
C SER A 29 -11.70 25.09 -1.16
N GLN A 30 -10.70 25.40 -1.99
CA GLN A 30 -10.81 26.54 -2.91
C GLN A 30 -12.02 26.42 -3.81
N LEU A 31 -12.25 25.22 -4.36
CA LEU A 31 -13.39 24.99 -5.25
C LEU A 31 -14.71 25.15 -4.51
N MET A 32 -14.79 24.65 -3.28
CA MET A 32 -16.02 24.74 -2.50
C MET A 32 -16.31 26.18 -2.11
N SER A 33 -15.27 26.96 -1.83
CA SER A 33 -15.48 28.33 -1.38
C SER A 33 -15.65 29.31 -2.54
N GLY A 34 -15.08 28.98 -3.70
CA GLY A 34 -15.10 29.87 -4.84
C GLY A 34 -13.81 30.62 -5.09
N ARG A 35 -12.77 30.43 -4.27
CA ARG A 35 -11.52 31.13 -4.55
C ARG A 35 -10.76 30.50 -5.72
N ALA A 36 -11.19 29.33 -6.18
CA ALA A 36 -10.79 28.79 -7.47
C ALA A 36 -12.05 28.58 -8.30
N SER A 37 -11.91 28.67 -9.62
CA SER A 37 -13.07 28.61 -10.49
C SER A 37 -13.40 27.16 -10.87
N PHE A 38 -14.55 26.99 -11.52
CA PHE A 38 -15.16 25.68 -11.62
C PHE A 38 -15.93 25.60 -12.95
N GLY A 39 -15.18 25.38 -14.03
CA GLY A 39 -15.76 25.28 -15.36
C GLY A 39 -16.31 23.89 -15.67
N GLU A 40 -16.78 23.75 -16.92
CA GLU A 40 -17.35 22.47 -17.34
CA GLU A 40 -17.35 22.48 -17.36
C GLU A 40 -16.27 21.41 -17.48
N LYS A 41 -15.18 21.73 -18.18
CA LYS A 41 -14.08 20.78 -18.34
C LYS A 41 -13.57 20.34 -16.97
N ALA A 42 -13.42 21.30 -16.04
CA ALA A 42 -12.99 20.96 -14.69
C ALA A 42 -14.02 20.07 -13.99
N ALA A 43 -15.31 20.39 -14.14
CA ALA A 43 -16.34 19.61 -13.45
C ALA A 43 -16.28 18.14 -13.86
N ARG A 44 -16.13 17.88 -15.17
CA ARG A 44 -15.96 16.49 -15.62
C ARG A 44 -14.68 15.89 -15.07
N ARG A 45 -13.62 16.70 -14.99
CA ARG A 45 -12.35 16.21 -14.47
CA ARG A 45 -12.35 16.20 -14.48
C ARG A 45 -12.49 15.76 -13.01
N ILE A 46 -13.11 16.60 -12.19
CA ILE A 46 -13.27 16.27 -10.77
C ILE A 46 -14.17 15.05 -10.60
N GLU A 47 -15.26 14.98 -11.36
CA GLU A 47 -16.16 13.83 -11.30
C GLU A 47 -15.42 12.54 -11.62
N GLN A 48 -14.53 12.58 -12.62
CA GLN A 48 -13.77 11.37 -12.90
C GLN A 48 -12.74 11.09 -11.82
N THR A 49 -12.14 12.14 -11.25
CA THR A 49 -11.09 11.97 -10.25
CA THR A 49 -11.09 11.95 -10.26
C THR A 49 -11.60 11.19 -9.05
N TYR A 50 -12.77 11.55 -8.55
CA TYR A 50 -13.31 10.95 -7.34
C TYR A 50 -14.35 9.86 -7.64
N GLY A 51 -14.63 9.59 -8.90
CA GLY A 51 -15.63 8.59 -9.19
C GLY A 51 -17.05 9.04 -8.90
N MET A 52 -17.33 10.34 -9.03
CA MET A 52 -18.71 10.80 -8.90
C MET A 52 -19.51 10.34 -10.11
N PRO A 53 -20.81 10.16 -9.96
CA PRO A 53 -21.66 9.89 -11.12
C PRO A 53 -21.46 10.94 -12.20
N GLU A 54 -21.57 10.50 -13.45
CA GLU A 54 -21.43 11.42 -14.57
C GLU A 54 -22.44 12.53 -14.45
N GLY A 55 -21.99 13.77 -14.62
CA GLY A 55 -22.86 14.91 -14.49
C GLY A 55 -23.27 15.27 -13.08
N TYR A 56 -22.66 14.64 -12.07
CA TYR A 56 -23.03 14.90 -10.69
C TYR A 56 -22.96 16.39 -10.36
N LEU A 57 -21.95 17.09 -10.89
N LEU A 57 -21.94 17.09 -10.86
CA LEU A 57 -21.68 18.48 -10.53
CA LEU A 57 -21.86 18.53 -10.67
C LEU A 57 -22.36 19.49 -11.43
C LEU A 57 -22.84 19.22 -11.63
N GLY A 58 -22.64 19.14 -12.69
N GLY A 58 -22.36 19.63 -12.79
CA GLY A 58 -23.26 20.05 -13.64
CA GLY A 58 -23.22 20.22 -13.80
C GLY A 58 -22.29 21.01 -14.33
C GLY A 58 -22.51 21.21 -14.71
N SER A 59 -22.62 21.37 -15.57
N SER A 59 -23.27 21.81 -15.63
N GLN B 1 -23.91 -1.15 -16.84
CA GLN B 1 -22.91 -0.42 -17.61
C GLN B 1 -21.56 -0.49 -16.90
N VAL B 2 -21.57 -0.42 -15.57
CA VAL B 2 -20.39 -0.70 -14.75
C VAL B 2 -20.78 -1.75 -13.73
N GLN B 3 -20.00 -2.81 -13.64
CA GLN B 3 -20.18 -3.81 -12.60
C GLN B 3 -18.96 -3.84 -11.70
N LEU B 4 -19.19 -4.16 -10.43
CA LEU B 4 -18.19 -4.12 -9.38
C LEU B 4 -18.32 -5.39 -8.56
N VAL B 5 -17.17 -5.97 -8.18
CA VAL B 5 -17.16 -7.22 -7.41
C VAL B 5 -16.19 -7.07 -6.25
N GLU B 6 -16.72 -7.10 -5.02
CA GLU B 6 -15.92 -7.14 -3.81
C GLU B 6 -15.61 -8.58 -3.44
N SER B 7 -14.40 -8.81 -2.97
CA SER B 7 -14.05 -10.12 -2.43
C SER B 7 -13.01 -9.94 -1.33
N GLY B 8 -12.59 -11.06 -0.76
CA GLY B 8 -11.62 -11.08 0.33
C GLY B 8 -12.20 -11.05 1.73
N GLY B 9 -13.52 -10.95 1.87
CA GLY B 9 -14.12 -11.03 3.18
C GLY B 9 -13.97 -12.40 3.80
N GLY B 10 -14.52 -12.53 5.00
CA GLY B 10 -14.45 -13.78 5.72
C GLY B 10 -14.34 -13.53 7.21
N LEU B 11 -14.08 -14.61 7.94
CA LEU B 11 -13.92 -14.57 9.38
C LEU B 11 -12.47 -14.25 9.69
N VAL B 12 -12.26 -13.40 10.69
CA VAL B 12 -10.91 -13.01 11.09
C VAL B 12 -10.92 -12.75 12.60
N GLN B 13 -9.85 -13.16 13.26
CA GLN B 13 -9.70 -12.94 14.68
C GLN B 13 -9.38 -11.49 14.99
N SER B 14 -9.82 -11.04 16.16
CA SER B 14 -9.48 -9.71 16.66
C SER B 14 -7.98 -9.49 16.64
N GLY B 15 -7.58 -8.32 16.17
CA GLY B 15 -6.19 -8.01 15.99
C GLY B 15 -5.60 -8.53 14.71
N GLY B 16 -6.33 -9.33 13.95
CA GLY B 16 -5.84 -9.91 12.72
C GLY B 16 -5.94 -8.93 11.57
N SER B 17 -5.61 -9.42 10.37
CA SER B 17 -5.60 -8.62 9.16
C SER B 17 -6.36 -9.34 8.04
N LEU B 18 -6.64 -8.58 6.99
CA LEU B 18 -7.47 -9.03 5.86
C LEU B 18 -7.28 -8.03 4.75
N ARG B 19 -7.41 -8.50 3.49
CA ARG B 19 -7.30 -7.60 2.34
C ARG B 19 -8.53 -7.81 1.47
N LEU B 20 -9.37 -6.80 1.39
CA LEU B 20 -10.49 -6.83 0.45
C LEU B 20 -10.02 -6.34 -0.91
N SER B 21 -10.66 -6.86 -1.95
CA SER B 21 -10.42 -6.41 -3.31
CA SER B 21 -10.42 -6.42 -3.31
C SER B 21 -11.73 -5.95 -3.93
N CYS B 22 -11.63 -4.98 -4.84
CA CYS B 22 -12.76 -4.58 -5.67
C CYS B 22 -12.32 -4.62 -7.12
N ALA B 23 -12.98 -5.46 -7.91
CA ALA B 23 -12.85 -5.49 -9.36
C ALA B 23 -13.96 -4.66 -10.00
N ALA B 24 -13.60 -3.98 -11.08
CA ALA B 24 -14.49 -3.04 -11.75
C ALA B 24 -14.38 -3.21 -13.26
N SER B 25 -15.52 -3.24 -13.94
CA SER B 25 -15.59 -3.51 -15.36
C SER B 25 -14.86 -2.43 -16.17
N GLY B 26 -14.47 -2.80 -17.38
CA GLY B 26 -13.88 -1.87 -18.33
C GLY B 26 -12.60 -1.22 -17.87
N SER B 27 -11.81 -1.91 -17.04
CA SER B 27 -10.56 -1.35 -16.49
C SER B 27 -10.75 0.06 -15.95
N ILE B 28 -11.95 0.36 -15.45
CA ILE B 28 -12.29 1.75 -15.11
C ILE B 28 -11.42 2.28 -13.98
N PHE B 29 -10.96 1.42 -13.07
CA PHE B 29 -10.19 1.91 -11.93
C PHE B 29 -8.83 2.48 -12.35
N ARG B 30 -8.39 2.21 -13.59
CA ARG B 30 -7.16 2.83 -14.08
C ARG B 30 -7.27 4.34 -14.14
N THR B 31 -8.47 4.87 -14.45
CA THR B 31 -8.65 6.29 -14.71
C THR B 31 -9.71 6.95 -13.84
N THR B 32 -10.20 6.28 -12.80
CA THR B 32 -11.34 6.75 -12.06
C THR B 32 -11.17 6.45 -10.58
N GLY B 33 -11.53 7.41 -9.73
CA GLY B 33 -11.56 7.18 -8.29
C GLY B 33 -12.75 6.35 -7.85
N MET B 34 -12.74 5.96 -6.57
CA MET B 34 -13.78 5.13 -5.99
C MET B 34 -13.85 5.35 -4.48
N ASN B 35 -14.88 4.77 -3.87
CA ASN B 35 -15.03 4.81 -2.43
C ASN B 35 -15.34 3.43 -1.92
N TRP B 36 -14.98 3.19 -0.65
CA TRP B 36 -15.46 2.06 0.12
C TRP B 36 -16.40 2.55 1.20
N TYR B 37 -17.47 1.79 1.44
CA TYR B 37 -18.41 2.03 2.51
C TYR B 37 -18.58 0.73 3.28
N ARG B 38 -19.21 0.81 4.46
CA ARG B 38 -19.56 -0.40 5.18
C ARG B 38 -20.85 -0.19 5.95
N GLN B 39 -21.54 -1.31 6.16
CA GLN B 39 -22.79 -1.37 6.91
C GLN B 39 -22.54 -2.26 8.12
N THR B 40 -22.59 -1.69 9.31
CA THR B 40 -22.33 -2.39 10.55
C THR B 40 -23.64 -2.64 11.29
N PRO B 41 -23.66 -3.56 12.26
CA PRO B 41 -24.95 -3.92 12.88
C PRO B 41 -25.74 -2.72 13.38
N GLU B 42 -25.08 -1.77 14.03
CA GLU B 42 -25.71 -0.53 14.47
C GLU B 42 -25.24 0.60 13.57
N LYS B 43 -26.19 1.30 12.95
CA LYS B 43 -26.02 2.32 11.91
C LYS B 43 -25.86 1.67 10.54
N GLN B 44 -25.93 2.47 9.49
CA GLN B 44 -25.91 1.97 8.12
C GLN B 44 -25.06 2.88 7.25
N ARG B 45 -24.60 2.33 6.12
CA ARG B 45 -23.79 3.02 5.12
CA ARG B 45 -23.79 3.02 5.12
C ARG B 45 -22.88 4.07 5.73
N GLU B 46 -21.70 3.67 6.18
CA GLU B 46 -20.71 4.56 6.76
C GLU B 46 -19.50 4.59 5.83
N TRP B 47 -19.13 5.79 5.38
CA TRP B 47 -17.97 5.91 4.51
C TRP B 47 -16.71 5.41 5.22
N VAL B 48 -15.84 4.73 4.48
CA VAL B 48 -14.64 4.12 5.03
C VAL B 48 -13.37 4.75 4.45
N ALA B 49 -13.27 4.82 3.14
CA ALA B 49 -12.03 5.29 2.54
C ALA B 49 -12.30 5.63 1.08
N LEU B 50 -11.37 6.40 0.49
CA LEU B 50 -11.42 6.74 -0.93
C LEU B 50 -10.02 6.73 -1.50
N ILE B 51 -9.94 6.50 -2.80
CA ILE B 51 -8.72 6.69 -3.55
C ILE B 51 -9.09 7.34 -4.87
N THR B 52 -8.37 8.38 -5.25
CA THR B 52 -8.65 9.11 -6.48
C THR B 52 -7.92 8.48 -7.66
N SER B 53 -8.27 8.93 -8.86
CA SER B 53 -7.55 8.48 -10.05
C SER B 53 -6.08 8.87 -9.98
N HIS B 54 -5.72 9.86 -9.13
CA HIS B 54 -4.34 10.25 -8.90
C HIS B 54 -3.58 9.31 -7.97
N GLY B 55 -4.27 8.44 -7.24
CA GLY B 55 -3.63 7.65 -6.21
C GLY B 55 -3.66 8.27 -4.83
N THR B 56 -4.28 9.44 -4.68
CA THR B 56 -4.38 10.07 -3.37
C THR B 56 -5.57 9.50 -2.60
N THR B 57 -5.46 9.51 -1.27
CA THR B 57 -6.33 8.72 -0.39
C THR B 57 -6.81 9.57 0.78
N SER B 58 -7.94 9.13 1.35
CA SER B 58 -8.38 9.60 2.66
C SER B 58 -9.18 8.48 3.32
N TYR B 59 -9.26 8.55 4.64
CA TYR B 59 -9.86 7.50 5.47
C TYR B 59 -10.78 8.13 6.49
N ALA B 60 -11.76 7.35 6.95
CA ALA B 60 -12.56 7.72 8.10
C ALA B 60 -11.72 7.70 9.37
N ALA B 61 -12.06 8.60 10.31
CA ALA B 61 -11.34 8.62 11.57
C ALA B 61 -11.31 7.26 12.25
N SER B 62 -12.39 6.48 12.11
CA SER B 62 -12.50 5.21 12.83
C SER B 62 -11.59 4.11 12.27
N VAL B 63 -10.96 4.32 11.12
CA VAL B 63 -10.10 3.29 10.54
C VAL B 63 -8.74 3.84 10.14
N GLU B 64 -8.60 5.16 10.16
CA GLU B 64 -7.34 5.77 9.77
C GLU B 64 -6.21 5.17 10.59
N GLY B 65 -5.09 4.87 9.93
CA GLY B 65 -3.93 4.29 10.59
C GLY B 65 -3.96 2.78 10.69
N ARG B 66 -5.08 2.16 10.39
CA ARG B 66 -5.22 0.71 10.41
C ARG B 66 -5.60 0.14 9.07
N PHE B 67 -6.29 0.91 8.24
CA PHE B 67 -6.70 0.52 6.91
C PHE B 67 -5.84 1.25 5.89
N THR B 68 -5.55 0.59 4.79
CA THR B 68 -4.74 1.18 3.72
C THR B 68 -5.38 0.86 2.38
N ILE B 69 -5.65 1.89 1.58
CA ILE B 69 -6.31 1.71 0.28
C ILE B 69 -5.27 1.91 -0.81
N SER B 70 -5.29 1.03 -1.83
CA SER B 70 -4.32 1.07 -2.92
C SER B 70 -4.87 0.37 -4.17
N ARG B 71 -4.12 0.47 -5.26
CA ARG B 71 -4.39 -0.28 -6.48
C ARG B 71 -3.38 -1.40 -6.66
N ASP B 72 -3.78 -2.42 -7.40
CA ASP B 72 -2.81 -3.43 -7.81
C ASP B 72 -1.93 -2.88 -8.93
N SER B 73 -0.91 -3.66 -9.30
CA SER B 73 0.07 -3.18 -10.26
C SER B 73 -0.60 -2.81 -11.59
N ALA B 74 -1.47 -3.69 -12.09
CA ALA B 74 -2.21 -3.39 -13.32
C ALA B 74 -3.04 -2.12 -13.20
N GLY B 75 -3.40 -1.72 -11.99
CA GLY B 75 -4.25 -0.55 -11.82
C GLY B 75 -5.74 -0.81 -12.00
N THR B 76 -6.15 -2.05 -12.22
CA THR B 76 -7.52 -2.41 -12.48
C THR B 76 -8.29 -2.82 -11.23
N THR B 77 -7.57 -3.09 -10.13
CA THR B 77 -8.15 -3.60 -8.90
C THR B 77 -7.76 -2.70 -7.75
N VAL B 78 -8.68 -2.45 -6.84
CA VAL B 78 -8.40 -1.65 -5.66
C VAL B 78 -8.48 -2.54 -4.44
N TYR B 79 -7.51 -2.37 -3.54
CA TYR B 79 -7.43 -3.16 -2.31
C TYR B 79 -7.76 -2.27 -1.13
N LEU B 80 -8.49 -2.84 -0.17
CA LEU B 80 -8.65 -2.26 1.16
C LEU B 80 -7.96 -3.22 2.12
N GLN B 81 -6.68 -2.96 2.38
CA GLN B 81 -5.92 -3.70 3.39
C GLN B 81 -6.38 -3.29 4.76
N MET B 82 -6.59 -4.25 5.66
CA MET B 82 -6.98 -3.96 7.03
CA MET B 82 -6.98 -3.97 7.02
C MET B 82 -6.04 -4.68 7.97
N ASN B 83 -5.67 -4.02 9.06
CA ASN B 83 -4.90 -4.70 10.09
C ASN B 83 -5.42 -4.23 11.44
N SER B 84 -5.03 -4.95 12.50
CA SER B 84 -5.45 -4.62 13.85
C SER B 84 -6.98 -4.57 13.94
N LEU B 85 -7.63 -5.60 13.41
CA LEU B 85 -9.09 -5.55 13.32
C LEU B 85 -9.73 -5.70 14.69
N LYS B 86 -10.87 -5.05 14.87
CA LYS B 86 -11.65 -5.08 16.09
C LYS B 86 -13.06 -5.56 15.78
N PRO B 87 -13.79 -6.07 16.78
CA PRO B 87 -15.17 -6.52 16.50
C PRO B 87 -16.04 -5.46 15.85
N GLU B 88 -15.76 -4.18 16.13
CA GLU B 88 -16.53 -3.07 15.60
C GLU B 88 -16.16 -2.72 14.18
N ASP B 89 -15.23 -3.45 13.56
CA ASP B 89 -15.02 -3.36 12.13
C ASP B 89 -15.86 -4.36 11.36
N ALA B 90 -16.63 -5.20 12.05
CA ALA B 90 -17.43 -6.20 11.38
C ALA B 90 -18.54 -5.52 10.60
N GLY B 91 -18.85 -6.07 9.43
CA GLY B 91 -19.95 -5.54 8.63
C GLY B 91 -19.85 -6.00 7.19
N VAL B 92 -20.75 -5.43 6.38
CA VAL B 92 -20.72 -5.64 4.94
C VAL B 92 -19.97 -4.47 4.33
N TYR B 93 -18.93 -4.77 3.56
CA TYR B 93 -18.12 -3.74 2.90
C TYR B 93 -18.47 -3.67 1.42
N TYR B 94 -18.72 -2.44 0.95
CA TYR B 94 -19.17 -2.15 -0.40
C TYR B 94 -18.14 -1.29 -1.10
N CYS B 95 -17.85 -1.62 -2.36
CA CYS B 95 -17.13 -0.67 -3.21
C CYS B 95 -18.10 0.02 -4.14
N THR B 96 -17.78 1.27 -4.48
CA THR B 96 -18.64 2.08 -5.32
C THR B 96 -17.80 3.00 -6.21
N THR B 97 -18.33 3.26 -7.41
CA THR B 97 -17.72 4.21 -8.32
C THR B 97 -18.78 4.62 -9.33
N ARG B 98 -18.78 5.90 -9.70
CA ARG B 98 -19.67 6.45 -10.72
C ARG B 98 -21.16 6.26 -10.39
N GLY B 99 -21.53 6.05 -9.13
CA GLY B 99 -22.91 5.82 -8.77
C GLY B 99 -23.30 4.36 -8.71
N TYR B 100 -22.44 3.46 -9.16
CA TYR B 100 -22.63 2.02 -9.13
C TYR B 100 -22.06 1.42 -7.86
N TRP B 101 -22.67 0.30 -7.44
CA TRP B 101 -22.40 -0.27 -6.13
C TRP B 101 -22.24 -1.77 -6.26
N GLY B 102 -21.25 -2.31 -5.59
CA GLY B 102 -21.12 -3.76 -5.53
C GLY B 102 -22.16 -4.40 -4.64
N GLN B 103 -22.22 -5.74 -4.70
CA GLN B 103 -23.12 -6.50 -3.83
C GLN B 103 -22.64 -6.49 -2.38
N GLY B 104 -21.34 -6.36 -2.18
CA GLY B 104 -20.79 -6.27 -0.86
C GLY B 104 -20.14 -7.57 -0.43
N THR B 105 -19.28 -7.48 0.58
CA THR B 105 -18.64 -8.66 1.13
C THR B 105 -18.58 -8.54 2.64
N GLN B 106 -18.89 -9.65 3.32
CA GLN B 106 -19.06 -9.64 4.76
C GLN B 106 -17.73 -9.85 5.46
N VAL B 107 -17.45 -9.02 6.47
CA VAL B 107 -16.31 -9.20 7.35
C VAL B 107 -16.84 -9.54 8.73
N THR B 108 -16.45 -10.70 9.25
CA THR B 108 -16.83 -11.11 10.59
C THR B 108 -15.57 -11.18 11.44
N VAL B 109 -15.58 -10.50 12.58
CA VAL B 109 -14.43 -10.45 13.49
C VAL B 109 -14.78 -11.27 14.72
N SER B 110 -14.00 -12.32 14.96
CA SER B 110 -14.20 -13.21 16.12
C SER B 110 -13.30 -12.80 17.30
N SER B 111 -13.55 -13.41 18.46
CA SER B 111 -12.75 -13.14 19.64
CA MET C 1 40.48 -5.13 -12.48
C MET C 1 40.48 -3.74 -11.83
N GLN C 2 39.72 -2.82 -12.42
CA GLN C 2 39.67 -1.45 -11.94
C GLN C 2 38.71 -1.30 -10.77
N LYS C 3 39.04 -0.36 -9.86
CA LYS C 3 38.25 -0.16 -8.64
C LYS C 3 36.77 0.08 -8.95
N LYS C 4 36.49 0.94 -9.93
CA LYS C 4 35.09 1.24 -10.22
C LYS C 4 34.37 -0.01 -10.75
N GLU C 5 35.11 -0.92 -11.37
CA GLU C 5 34.47 -2.14 -11.83
CA GLU C 5 34.54 -2.17 -11.85
C GLU C 5 34.29 -3.16 -10.70
N ILE C 6 35.13 -3.11 -9.65
CA ILE C 6 34.87 -3.99 -8.51
C ILE C 6 33.64 -3.50 -7.74
N ARG C 7 33.44 -2.18 -7.65
CA ARG C 7 32.20 -1.64 -7.09
C ARG C 7 31.00 -2.10 -7.89
N ARG C 8 31.06 -1.97 -9.21
CA ARG C 8 29.99 -2.45 -10.07
C ARG C 8 29.72 -3.93 -9.83
N LEU C 9 30.78 -4.72 -9.67
CA LEU C 9 30.61 -6.16 -9.46
C LEU C 9 29.91 -6.45 -8.14
N ARG C 10 30.27 -5.72 -7.08
CA ARG C 10 29.64 -5.95 -5.79
C ARG C 10 28.17 -5.52 -5.80
N LEU C 11 27.87 -4.44 -6.52
CA LEU C 11 26.48 -4.02 -6.70
C LEU C 11 25.66 -5.12 -7.37
N LYS C 12 26.20 -5.70 -8.45
CA LYS C 12 25.51 -6.83 -9.07
C LYS C 12 25.32 -7.97 -8.06
N GLU C 13 26.36 -8.25 -7.26
CA GLU C 13 26.28 -9.34 -6.30
C GLU C 13 25.16 -9.13 -5.30
N TRP C 14 24.94 -7.89 -4.87
CA TRP C 14 23.90 -7.64 -3.87
C TRP C 14 22.53 -7.99 -4.43
N PHE C 15 22.28 -7.62 -5.67
CA PHE C 15 20.97 -7.77 -6.29
C PHE C 15 20.80 -9.09 -7.01
N LYS C 16 21.81 -9.97 -6.92
CA LYS C 16 21.78 -11.26 -7.60
C LYS C 16 20.53 -12.05 -7.23
N ASP C 17 20.13 -12.03 -5.95
CA ASP C 17 18.99 -12.79 -5.47
C ASP C 17 17.77 -11.90 -5.21
N LYS C 18 17.77 -10.68 -5.73
CA LYS C 18 16.71 -9.73 -5.44
C LYS C 18 16.17 -9.15 -6.74
N THR C 19 14.98 -8.57 -6.66
CA THR C 19 14.39 -7.87 -7.78
C THR C 19 14.65 -6.38 -7.63
N LEU C 20 14.75 -5.68 -8.74
CA LEU C 20 15.02 -4.23 -8.66
C LEU C 20 13.72 -3.46 -8.38
N PRO C 21 13.73 -2.51 -7.45
CA PRO C 21 12.54 -1.66 -7.26
C PRO C 21 12.24 -0.84 -8.50
N PRO C 22 10.98 -0.82 -8.96
CA PRO C 22 10.67 -0.04 -10.18
C PRO C 22 11.17 1.40 -10.15
N LYS C 23 10.91 2.13 -9.06
CA LYS C 23 11.35 3.52 -9.01
C LYS C 23 12.86 3.68 -8.91
N GLU C 24 13.60 2.60 -8.62
CA GLU C 24 15.06 2.66 -8.55
C GLU C 24 15.71 2.03 -9.76
N LYS C 25 14.91 1.47 -10.67
CA LYS C 25 15.45 0.57 -11.69
C LYS C 25 16.33 1.30 -12.67
N SER C 26 15.94 2.50 -13.09
CA SER C 26 16.75 3.16 -14.12
C SER C 26 18.12 3.50 -13.58
N TYR C 27 18.18 4.08 -12.38
CA TYR C 27 19.47 4.41 -11.77
C TYR C 27 20.30 3.17 -11.51
N LEU C 28 19.69 2.14 -10.93
CA LEU C 28 20.43 0.90 -10.64
C LEU C 28 20.98 0.28 -11.92
N SER C 29 20.19 0.33 -13.00
CA SER C 29 20.60 -0.29 -14.25
C SER C 29 21.75 0.45 -14.90
N GLN C 30 21.72 1.79 -14.83
CA GLN C 30 22.85 2.59 -15.29
C GLN C 30 24.13 2.17 -14.62
N LEU C 31 24.06 1.86 -13.32
CA LEU C 31 25.27 1.52 -12.58
C LEU C 31 25.72 0.08 -12.86
N MET C 32 24.79 -0.88 -12.87
CA MET C 32 25.21 -2.27 -13.02
C MET C 32 25.61 -2.58 -14.45
N SER C 33 25.07 -1.85 -15.41
CA SER C 33 25.47 -2.04 -16.80
C SER C 33 26.82 -1.40 -17.12
N GLY C 34 27.32 -0.55 -16.24
CA GLY C 34 28.52 0.22 -16.52
C GLY C 34 28.27 1.48 -17.32
N ARG C 35 27.00 1.79 -17.64
CA ARG C 35 26.72 3.01 -18.41
C ARG C 35 27.08 4.26 -17.63
N ALA C 36 27.05 4.19 -16.30
CA ALA C 36 27.49 5.26 -15.43
C ALA C 36 28.41 4.67 -14.38
N SER C 37 29.54 5.32 -14.15
CA SER C 37 30.45 4.93 -13.09
C SER C 37 30.01 5.56 -11.78
N PHE C 38 30.26 4.86 -10.68
CA PHE C 38 30.08 5.46 -9.37
C PHE C 38 31.33 5.27 -8.55
N GLY C 39 31.62 6.27 -7.73
CA GLY C 39 32.79 6.29 -6.88
C GLY C 39 32.46 5.96 -5.45
N GLU C 40 33.40 6.26 -4.56
CA GLU C 40 33.28 5.81 -3.17
C GLU C 40 32.13 6.51 -2.46
N LYS C 41 31.95 7.80 -2.70
CA LYS C 41 30.89 8.53 -2.00
C LYS C 41 29.51 8.01 -2.39
N ALA C 42 29.30 7.70 -3.67
CA ALA C 42 28.03 7.12 -4.09
C ALA C 42 27.87 5.72 -3.53
N ALA C 43 28.95 4.93 -3.51
CA ALA C 43 28.88 3.61 -2.90
C ALA C 43 28.38 3.67 -1.46
N ARG C 44 28.84 4.65 -0.68
CA ARG C 44 28.34 4.78 0.69
C ARG C 44 26.84 5.10 0.72
N ARG C 45 26.40 5.99 -0.17
CA ARG C 45 24.98 6.33 -0.22
C ARG C 45 24.16 5.10 -0.60
N ILE C 46 24.63 4.33 -1.58
CA ILE C 46 23.89 3.14 -2.01
C ILE C 46 23.80 2.14 -0.87
N GLU C 47 24.92 1.91 -0.16
CA GLU C 47 24.90 1.00 0.98
C GLU C 47 23.87 1.41 2.01
N GLN C 48 23.78 2.72 2.28
CA GLN C 48 22.84 3.20 3.28
C GLN C 48 21.40 3.04 2.79
N THR C 49 21.14 3.45 1.55
CA THR C 49 19.80 3.34 0.97
C THR C 49 19.26 1.91 1.06
N TYR C 50 20.10 0.92 0.79
CA TYR C 50 19.63 -0.45 0.77
C TYR C 50 19.98 -1.25 2.02
N GLY C 51 20.68 -0.65 2.98
CA GLY C 51 21.03 -1.40 4.19
C GLY C 51 22.05 -2.50 3.94
N MET C 52 22.99 -2.26 3.03
CA MET C 52 24.14 -3.15 2.87
C MET C 52 25.11 -2.93 4.02
N PRO C 53 25.86 -3.96 4.42
CA PRO C 53 26.91 -3.73 5.43
C PRO C 53 27.83 -2.59 4.98
N GLU C 54 28.29 -1.81 5.95
CA GLU C 54 29.20 -0.71 5.66
C GLU C 54 30.43 -1.22 4.92
N GLY C 55 30.71 -0.62 3.77
CA GLY C 55 31.87 -0.99 2.98
C GLY C 55 31.66 -2.18 2.06
N TYR C 56 30.44 -2.74 2.00
CA TYR C 56 30.18 -3.85 1.10
C TYR C 56 30.61 -3.54 -0.34
N LEU C 57 30.47 -2.28 -0.79
CA LEU C 57 30.67 -1.94 -2.20
C LEU C 57 32.09 -1.53 -2.61
N GLY C 58 32.55 -0.30 -2.31
CA GLY C 58 33.82 0.15 -2.89
C GLY C 58 34.64 1.40 -2.50
N SER C 59 35.96 1.25 -2.57
N GLN D 1 26.79 -1.65 16.94
CA GLN D 1 25.87 -2.80 16.95
C GLN D 1 24.42 -2.39 16.72
N VAL D 2 23.68 -3.28 16.07
CA VAL D 2 22.29 -3.04 15.70
C VAL D 2 21.47 -4.25 16.11
N GLN D 3 20.38 -4.02 16.85
CA GLN D 3 19.51 -5.11 17.24
C GLN D 3 18.19 -5.03 16.47
N LEU D 4 17.64 -6.21 16.18
CA LEU D 4 16.44 -6.38 15.34
C LEU D 4 15.53 -7.38 16.01
N VAL D 5 14.22 -7.08 16.06
CA VAL D 5 13.21 -7.94 16.67
C VAL D 5 12.04 -8.10 15.69
N GLU D 6 11.92 -9.31 15.13
CA GLU D 6 10.74 -9.70 14.36
C GLU D 6 9.62 -10.13 15.29
N SER D 7 8.38 -9.76 14.95
CA SER D 7 7.24 -10.28 15.70
C SER D 7 6.04 -10.43 14.78
N GLY D 8 4.98 -11.06 15.33
CA GLY D 8 3.73 -11.23 14.63
C GLY D 8 3.50 -12.61 14.04
N GLY D 9 4.50 -13.48 14.07
CA GLY D 9 4.32 -14.83 13.57
C GLY D 9 3.28 -15.61 14.37
N GLY D 10 2.78 -16.67 13.73
CA GLY D 10 1.83 -17.55 14.39
C GLY D 10 1.08 -18.39 13.37
N LEU D 11 -0.09 -18.89 13.79
CA LEU D 11 -0.92 -19.77 12.98
C LEU D 11 -1.94 -18.97 12.17
N VAL D 12 -2.01 -19.26 10.88
CA VAL D 12 -3.01 -18.68 10.00
C VAL D 12 -3.57 -19.79 9.13
N GLN D 13 -4.81 -19.63 8.69
CA GLN D 13 -5.41 -20.58 7.75
C GLN D 13 -5.03 -20.21 6.33
N SER D 14 -4.96 -21.24 5.46
CA SER D 14 -4.73 -20.99 4.05
C SER D 14 -5.74 -19.98 3.51
N GLY D 15 -5.26 -19.06 2.68
CA GLY D 15 -6.07 -17.95 2.25
C GLY D 15 -6.03 -16.74 3.16
N GLY D 16 -5.51 -16.88 4.38
CA GLY D 16 -5.55 -15.80 5.35
C GLY D 16 -4.43 -14.79 5.18
N SER D 17 -4.51 -13.72 6.00
CA SER D 17 -3.56 -12.64 6.06
C SER D 17 -2.86 -12.62 7.42
N LEU D 18 -1.64 -12.09 7.43
CA LEU D 18 -0.88 -11.95 8.67
C LEU D 18 0.13 -10.83 8.49
N ARG D 19 0.20 -9.92 9.46
CA ARG D 19 1.15 -8.81 9.42
C ARG D 19 2.31 -9.08 10.40
N LEU D 20 3.52 -9.12 9.86
CA LEU D 20 4.74 -9.22 10.65
C LEU D 20 5.34 -7.83 10.84
N SER D 21 6.05 -7.65 11.96
CA SER D 21 6.77 -6.42 12.24
C SER D 21 8.25 -6.70 12.45
N CYS D 22 9.08 -5.71 12.12
CA CYS D 22 10.49 -5.72 12.46
C CYS D 22 10.83 -4.39 13.12
N ALA D 23 11.23 -4.43 14.38
CA ALA D 23 11.72 -3.24 15.05
C ALA D 23 13.24 -3.25 15.03
N ALA D 24 13.85 -2.07 14.85
CA ALA D 24 15.30 -1.98 14.79
C ALA D 24 15.81 -0.85 15.67
N SER D 25 16.96 -1.10 16.32
CA SER D 25 17.54 -0.17 17.26
C SER D 25 17.97 1.14 16.61
N GLY D 26 18.00 2.20 17.41
CA GLY D 26 18.62 3.46 17.00
C GLY D 26 17.88 4.24 15.94
N SER D 27 16.60 3.95 15.76
CA SER D 27 15.83 4.56 14.67
C SER D 27 16.50 4.39 13.31
N ILE D 28 17.19 3.25 13.11
CA ILE D 28 18.01 3.09 11.91
C ILE D 28 17.14 3.07 10.65
N PHE D 29 15.89 2.61 10.75
CA PHE D 29 15.05 2.45 9.58
C PHE D 29 14.58 3.76 8.98
N ARG D 30 14.64 4.89 9.70
CA ARG D 30 14.24 6.09 8.97
C ARG D 30 15.34 6.62 8.07
N THR D 31 16.55 6.08 8.15
CA THR D 31 17.66 6.46 7.29
C THR D 31 18.25 5.31 6.49
N THR D 32 17.83 4.08 6.74
CA THR D 32 18.49 2.90 6.18
C THR D 32 17.47 1.89 5.67
N GLY D 33 17.76 1.27 4.51
CA GLY D 33 16.93 0.22 3.96
C GLY D 33 17.15 -1.11 4.64
N MET D 34 16.34 -2.08 4.27
CA MET D 34 16.36 -3.38 4.92
C MET D 34 15.82 -4.44 3.96
N ASN D 35 15.94 -5.70 4.37
CA ASN D 35 15.37 -6.82 3.63
C ASN D 35 14.67 -7.79 4.57
N TRP D 36 13.67 -8.47 4.00
CA TRP D 36 13.06 -9.63 4.64
C TRP D 36 13.50 -10.89 3.91
N TYR D 37 13.85 -11.94 4.68
CA TYR D 37 14.16 -13.27 4.16
C TYR D 37 13.25 -14.29 4.82
N ARG D 38 13.21 -15.50 4.27
CA ARG D 38 12.49 -16.57 4.94
C ARG D 38 13.20 -17.89 4.73
N GLN D 39 12.92 -18.83 5.63
CA GLN D 39 13.53 -20.14 5.58
C GLN D 39 12.49 -21.22 5.88
N THR D 40 12.41 -22.22 5.00
CA THR D 40 11.61 -23.40 5.34
C THR D 40 12.52 -24.53 5.82
N PRO D 41 11.97 -25.53 6.51
CA PRO D 41 12.81 -26.67 6.94
C PRO D 41 13.56 -27.28 5.77
N GLU D 42 14.88 -27.44 5.96
CA GLU D 42 15.80 -27.91 4.93
C GLU D 42 15.50 -27.32 3.55
N LYS D 43 15.54 -25.99 3.51
CA LYS D 43 15.60 -25.24 2.28
C LYS D 43 16.36 -23.96 2.59
N GLN D 44 17.31 -23.61 1.73
CA GLN D 44 18.14 -22.43 1.91
C GLN D 44 17.28 -21.20 2.18
N ARG D 45 17.83 -20.28 2.99
CA ARG D 45 17.19 -19.00 3.23
C ARG D 45 17.00 -18.25 1.92
N GLU D 46 15.82 -17.62 1.78
CA GLU D 46 15.27 -17.16 0.51
C GLU D 46 14.87 -15.70 0.66
N TRP D 47 15.33 -14.84 -0.25
CA TRP D 47 14.92 -13.44 -0.21
C TRP D 47 13.41 -13.30 -0.43
N VAL D 48 12.79 -12.35 0.30
CA VAL D 48 11.35 -12.13 0.26
C VAL D 48 11.01 -10.73 -0.27
N ALA D 49 11.58 -9.69 0.33
CA ALA D 49 11.23 -8.32 -0.05
C ALA D 49 12.28 -7.34 0.49
N LEU D 50 12.30 -6.15 -0.10
CA LEU D 50 13.11 -5.06 0.42
C LEU D 50 12.30 -3.77 0.45
N ILE D 51 12.74 -2.85 1.32
CA ILE D 51 12.31 -1.47 1.31
C ILE D 51 13.52 -0.58 1.55
N THR D 52 13.69 0.43 0.71
CA THR D 52 14.86 1.28 0.81
C THR D 52 14.59 2.44 1.76
N SER D 53 15.64 3.23 2.04
CA SER D 53 15.46 4.43 2.84
C SER D 53 14.55 5.43 2.17
N HIS D 54 14.36 5.32 0.86
CA HIS D 54 13.45 6.16 0.10
C HIS D 54 12.02 5.66 0.14
N GLY D 55 11.77 4.52 0.80
CA GLY D 55 10.46 3.92 0.80
C GLY D 55 10.09 3.17 -0.45
N THR D 56 11.01 3.00 -1.40
CA THR D 56 10.74 2.19 -2.58
C THR D 56 10.95 0.72 -2.25
N THR D 57 10.26 -0.14 -2.99
CA THR D 57 10.11 -1.54 -2.63
C THR D 57 10.28 -2.45 -3.83
N SER D 58 10.62 -3.70 -3.54
CA SER D 58 10.53 -4.76 -4.53
C SER D 58 10.31 -6.07 -3.77
N TYR D 59 9.93 -7.09 -4.53
CA TYR D 59 9.39 -8.33 -3.97
C TYR D 59 9.87 -9.53 -4.75
N ALA D 60 9.92 -10.69 -4.08
CA ALA D 60 10.28 -11.91 -4.80
C ALA D 60 9.11 -12.37 -5.66
N ALA D 61 9.42 -13.17 -6.67
CA ALA D 61 8.41 -13.57 -7.65
C ALA D 61 7.22 -14.26 -7.00
N SER D 62 7.47 -15.06 -5.95
CA SER D 62 6.43 -15.87 -5.35
C SER D 62 5.46 -15.05 -4.49
N VAL D 63 5.83 -13.85 -4.07
CA VAL D 63 4.99 -13.07 -3.18
C VAL D 63 4.54 -11.75 -3.76
N GLU D 64 5.04 -11.36 -4.92
CA GLU D 64 4.66 -10.07 -5.48
C GLU D 64 3.16 -10.05 -5.78
N GLY D 65 2.50 -8.93 -5.45
CA GLY D 65 1.06 -8.81 -5.60
C GLY D 65 0.26 -9.33 -4.43
N ARG D 66 0.89 -10.07 -3.51
CA ARG D 66 0.24 -10.60 -2.31
C ARG D 66 0.80 -10.02 -1.02
N PHE D 67 2.06 -9.60 -1.02
CA PHE D 67 2.75 -9.05 0.15
C PHE D 67 2.94 -7.55 -0.04
N THR D 68 2.94 -6.81 1.07
CA THR D 68 3.22 -5.38 1.04
C THR D 68 4.16 -5.04 2.19
N ILE D 69 5.22 -4.32 1.89
CA ILE D 69 6.20 -3.89 2.88
C ILE D 69 6.07 -2.39 3.06
N SER D 70 6.23 -1.93 4.30
CA SER D 70 6.03 -0.52 4.62
C SER D 70 6.82 -0.18 5.87
N ARG D 71 6.96 1.12 6.11
CA ARG D 71 7.69 1.67 7.25
C ARG D 71 6.76 2.57 8.06
N ASP D 72 6.67 2.31 9.36
CA ASP D 72 5.88 3.17 10.24
C ASP D 72 6.48 4.57 10.30
N SER D 73 5.61 5.57 10.23
CA SER D 73 6.07 6.96 10.12
C SER D 73 6.82 7.41 11.38
N ALA D 74 6.40 6.91 12.54
CA ALA D 74 6.98 7.32 13.81
C ALA D 74 8.32 6.67 14.08
N GLY D 75 9.16 6.53 13.07
CA GLY D 75 10.48 5.98 13.33
C GLY D 75 10.86 4.72 12.57
N THR D 76 10.90 3.58 13.26
CA THR D 76 11.77 2.49 12.86
C THR D 76 11.15 1.13 13.21
N THR D 77 9.89 0.93 12.84
CA THR D 77 9.35 -0.39 12.59
C THR D 77 9.00 -0.50 11.12
N VAL D 78 9.35 -1.64 10.52
CA VAL D 78 8.94 -1.99 9.17
C VAL D 78 7.97 -3.15 9.29
N TYR D 79 6.94 -3.13 8.45
CA TYR D 79 5.90 -4.16 8.47
C TYR D 79 5.92 -4.91 7.16
N LEU D 80 5.80 -6.23 7.25
CA LEU D 80 5.55 -7.09 6.10
C LEU D 80 4.12 -7.61 6.23
N GLN D 81 3.21 -7.06 5.42
CA GLN D 81 1.84 -7.51 5.40
C GLN D 81 1.71 -8.64 4.39
N MET D 82 1.26 -9.81 4.83
CA MET D 82 1.15 -10.99 3.99
C MET D 82 -0.32 -11.31 3.75
N ASN D 83 -0.66 -11.65 2.51
CA ASN D 83 -2.02 -11.99 2.15
C ASN D 83 -2.04 -13.25 1.31
N SER D 84 -3.20 -13.92 1.33
CA SER D 84 -3.43 -15.12 0.54
C SER D 84 -2.37 -16.17 0.84
N LEU D 85 -2.12 -16.38 2.13
CA LEU D 85 -1.08 -17.28 2.57
C LEU D 85 -1.40 -18.72 2.18
N LYS D 86 -0.35 -19.47 1.89
CA LYS D 86 -0.42 -20.86 1.45
C LYS D 86 0.59 -21.66 2.23
N PRO D 87 0.45 -22.99 2.25
CA PRO D 87 1.46 -23.84 2.92
C PRO D 87 2.88 -23.54 2.50
N GLU D 88 3.10 -23.16 1.24
CA GLU D 88 4.46 -22.88 0.78
C GLU D 88 5.03 -21.61 1.41
N ASP D 89 4.21 -20.81 2.10
CA ASP D 89 4.67 -19.61 2.80
C ASP D 89 5.12 -19.87 4.24
N ALA D 90 4.83 -21.05 4.78
CA ALA D 90 5.22 -21.33 6.16
C ALA D 90 6.74 -21.29 6.30
N GLY D 91 7.21 -20.81 7.44
CA GLY D 91 8.64 -20.82 7.71
C GLY D 91 9.01 -19.77 8.75
N VAL D 92 10.32 -19.58 8.91
CA VAL D 92 10.84 -18.55 9.80
C VAL D 92 11.20 -17.33 8.96
N TYR D 93 10.63 -16.19 9.33
CA TYR D 93 10.86 -14.94 8.61
C TYR D 93 11.85 -14.10 9.37
N TYR D 94 12.86 -13.58 8.66
CA TYR D 94 13.97 -12.82 9.21
C TYR D 94 13.97 -11.42 8.61
N CYS D 95 14.24 -10.42 9.45
CA CYS D 95 14.55 -9.10 8.93
C CYS D 95 16.04 -8.82 9.14
N THR D 96 16.61 -8.06 8.20
CA THR D 96 18.05 -7.81 8.21
C THR D 96 18.32 -6.39 7.72
N THR D 97 19.34 -5.76 8.31
CA THR D 97 19.87 -4.50 7.78
C THR D 97 21.31 -4.35 8.25
N ARG D 98 22.16 -3.80 7.37
CA ARG D 98 23.56 -3.53 7.68
C ARG D 98 24.35 -4.80 8.03
N GLY D 99 23.84 -5.97 7.65
CA GLY D 99 24.45 -7.24 7.95
C GLY D 99 24.08 -7.83 9.29
N TYR D 100 23.26 -7.14 10.05
CA TYR D 100 22.68 -7.68 11.27
C TYR D 100 21.40 -8.42 10.93
N TRP D 101 21.11 -9.45 11.73
CA TRP D 101 19.94 -10.29 11.51
C TRP D 101 19.20 -10.50 12.82
N GLY D 102 17.87 -10.42 12.77
CA GLY D 102 17.06 -10.78 13.90
C GLY D 102 17.05 -12.28 14.10
N GLN D 103 16.41 -12.71 15.19
CA GLN D 103 16.29 -14.14 15.49
C GLN D 103 15.21 -14.81 14.67
N GLY D 104 14.29 -14.05 14.10
CA GLY D 104 13.25 -14.58 13.24
C GLY D 104 11.96 -14.82 13.99
N THR D 105 10.87 -14.92 13.24
CA THR D 105 9.55 -15.24 13.79
C THR D 105 8.88 -16.28 12.90
N GLN D 106 8.21 -17.26 13.51
CA GLN D 106 7.69 -18.41 12.79
C GLN D 106 6.26 -18.20 12.32
N VAL D 107 6.00 -18.57 11.07
CA VAL D 107 4.67 -18.52 10.48
C VAL D 107 4.25 -19.93 10.09
N THR D 108 3.09 -20.36 10.58
CA THR D 108 2.55 -21.68 10.30
C THR D 108 1.24 -21.50 9.56
N VAL D 109 1.06 -22.25 8.48
CA VAL D 109 -0.10 -22.09 7.61
C VAL D 109 -0.81 -23.43 7.52
N SER D 110 -1.98 -23.53 8.15
CA SER D 110 -2.72 -24.78 8.19
C SER D 110 -3.40 -25.03 6.86
N SER D 111 -3.32 -26.28 6.39
CA SER D 111 -3.93 -26.64 5.12
C SER D 111 -5.43 -26.85 5.28
#